data_6XMC
#
_entry.id   6XMC
#
_cell.length_a   80.887
_cell.length_b   94.820
_cell.length_c   61.924
_cell.angle_alpha   90.000
_cell.angle_beta   90.000
_cell.angle_gamma   90.000
#
_symmetry.space_group_name_H-M   'P 21 21 2'
#
loop_
_entity.id
_entity.type
_entity.pdbx_description
1 polymer 'Nitric oxide synthase oxygenase'
2 non-polymer 'PROTOPORPHYRIN IX CONTAINING FE'
3 non-polymer 7-({3-[2-(6-aminopyridin-2-yl)ethyl]phenoxy}methyl)quinolin-2-amine
4 non-polymer 'CHLORIDE ION'
5 non-polymer GLYCEROL
6 non-polymer N-PROPANOL
7 water water
#
_entity_poly.entity_id   1
_entity_poly.type   'polypeptide(L)'
_entity_poly.pdbx_seq_one_letter_code
;MEEKEILWNEAKAFIAACYQELGKAAEVKDRLADIKSEIDLTGSYVHTKEELEHGAKMAWRNSNRCIGRLFWNSLNVIDR
RDVRTKEEVRDALFHHIETATNNGKIRPTITIFPPEEKGEKQVEIWNHQLIRYAGYESDGERIGDPASCSLTAACEELGW
RGERTDFDLLPLIFRMKGDEQPVWYELPRSLVIEVPITHPDIEAFSDLELKWYGVPIISDMKLEVGGIHYNAAPFNGWYM
GTEIGARNLADEKRYDKLKKVASVIGIAADYNTDLWKDQALVELNKAVLHSYKKQGVSIVDHHTAASQFKRFEEQAEEAG
RKLTGDWTWLIPPISPAATHIFHRSYDNSIVKPNYFYQDKPYE
;
_entity_poly.pdbx_strand_id   A
#
# COMPACT_ATOMS: atom_id res chain seq x y z
N GLU A 2 -10.36 -29.32 -11.66
CA GLU A 2 -9.14 -28.90 -12.37
C GLU A 2 -8.34 -27.82 -11.64
N GLU A 3 -8.97 -27.24 -10.63
CA GLU A 3 -8.34 -26.22 -9.80
C GLU A 3 -6.99 -26.69 -9.29
N LYS A 4 -6.90 -27.96 -8.88
CA LYS A 4 -5.71 -28.42 -8.19
C LYS A 4 -4.52 -28.64 -9.12
N GLU A 5 -4.74 -28.76 -10.43
CA GLU A 5 -3.59 -28.93 -11.32
C GLU A 5 -2.79 -27.64 -11.43
N ILE A 6 -3.47 -26.51 -11.56
CA ILE A 6 -2.79 -25.21 -11.52
C ILE A 6 -2.06 -25.04 -10.19
N LEU A 7 -2.73 -25.38 -9.08
CA LEU A 7 -2.13 -25.16 -7.76
C LEU A 7 -0.85 -25.96 -7.62
N TRP A 8 -0.87 -27.21 -8.06
CA TRP A 8 0.30 -28.05 -7.91
C TRP A 8 1.49 -27.45 -8.64
N ASN A 9 1.25 -26.90 -9.84
CA ASN A 9 2.34 -26.35 -10.63
C ASN A 9 2.94 -25.13 -9.95
N GLU A 10 2.09 -24.23 -9.45
CA GLU A 10 2.56 -23.04 -8.77
C GLU A 10 3.32 -23.40 -7.51
N ALA A 11 2.85 -24.42 -6.79
CA ALA A 11 3.49 -24.83 -5.55
C ALA A 11 4.88 -25.40 -5.81
N LYS A 12 5.02 -26.20 -6.87
CA LYS A 12 6.33 -26.71 -7.22
C LYS A 12 7.31 -25.57 -7.46
N ALA A 13 6.89 -24.59 -8.27
CA ALA A 13 7.78 -23.48 -8.61
C ALA A 13 8.10 -22.65 -7.38
N PHE A 14 7.09 -22.38 -6.55
CA PHE A 14 7.32 -21.56 -5.36
C PHE A 14 8.22 -22.28 -4.35
N ILE A 15 7.90 -23.53 -3.97
CA ILE A 15 8.66 -24.21 -2.92
C ILE A 15 10.13 -24.37 -3.33
N ALA A 16 10.37 -24.80 -4.58
CA ALA A 16 11.73 -24.93 -5.09
C ALA A 16 12.52 -23.63 -4.91
N ALA A 17 11.97 -22.52 -5.40
CA ALA A 17 12.65 -21.24 -5.30
C ALA A 17 12.80 -20.79 -3.87
N CYS A 18 11.74 -20.96 -3.05
CA CYS A 18 11.76 -20.46 -1.68
C CYS A 18 12.76 -21.24 -0.81
N TYR A 19 12.72 -22.57 -0.87
CA TYR A 19 13.67 -23.35 -0.09
C TYR A 19 15.10 -23.15 -0.58
N GLN A 20 15.27 -22.93 -1.89
CA GLN A 20 16.58 -22.63 -2.45
C GLN A 20 17.15 -21.38 -1.81
N GLU A 21 16.39 -20.29 -1.82
CA GLU A 21 16.84 -19.05 -1.21
C GLU A 21 17.09 -19.21 0.27
N LEU A 22 16.34 -20.09 0.91
CA LEU A 22 16.47 -20.28 2.34
C LEU A 22 17.51 -21.34 2.72
N GLY A 23 18.25 -21.88 1.75
CA GLY A 23 19.24 -22.91 2.07
C GLY A 23 18.66 -24.24 2.50
N LYS A 24 17.39 -24.50 2.20
CA LYS A 24 16.70 -25.71 2.60
C LYS A 24 16.42 -26.60 1.39
N ALA A 25 17.29 -26.53 0.37
CA ALA A 25 17.01 -27.22 -0.89
C ALA A 25 16.82 -28.71 -0.69
N ALA A 26 17.50 -29.29 0.30
CA ALA A 26 17.41 -30.72 0.50
C ALA A 26 16.03 -31.13 0.98
N GLU A 27 15.36 -30.25 1.73
CA GLU A 27 14.02 -30.49 2.26
C GLU A 27 12.95 -30.33 1.21
N VAL A 28 13.31 -29.89 0.02
CA VAL A 28 12.34 -29.64 -1.04
C VAL A 28 11.54 -30.92 -1.32
N LYS A 29 12.24 -32.05 -1.50
CA LYS A 29 11.59 -33.27 -2.00
C LYS A 29 10.44 -33.69 -1.11
N ASP A 30 10.71 -33.85 0.20
CA ASP A 30 9.70 -34.33 1.13
C ASP A 30 8.55 -33.33 1.28
N ARG A 31 8.86 -32.04 1.30
CA ARG A 31 7.80 -31.05 1.45
C ARG A 31 6.85 -31.07 0.26
N LEU A 32 7.32 -31.44 -0.94
CA LEU A 32 6.38 -31.37 -2.05
C LEU A 32 5.44 -32.56 -2.03
N ALA A 33 5.98 -33.73 -1.68
CA ALA A 33 5.16 -34.91 -1.51
C ALA A 33 4.06 -34.66 -0.51
N ASP A 34 4.43 -34.08 0.64
CA ASP A 34 3.43 -33.64 1.63
C ASP A 34 2.38 -32.76 0.99
N ILE A 35 2.81 -31.85 0.10
CA ILE A 35 1.87 -30.96 -0.59
C ILE A 35 0.97 -31.75 -1.55
N LYS A 36 1.55 -32.65 -2.35
CA LYS A 36 0.72 -33.34 -3.33
C LYS A 36 -0.33 -34.23 -2.66
N SER A 37 0.03 -34.87 -1.55
CA SER A 37 -0.99 -35.59 -0.79
C SER A 37 -2.06 -34.63 -0.29
N GLU A 38 -1.64 -33.51 0.29
CA GLU A 38 -2.57 -32.57 0.90
C GLU A 38 -3.57 -32.04 -0.12
N ILE A 39 -3.11 -31.78 -1.34
CA ILE A 39 -4.00 -31.25 -2.38
C ILE A 39 -4.98 -32.32 -2.85
N ASP A 40 -4.48 -33.54 -3.07
CA ASP A 40 -5.34 -34.65 -3.44
C ASP A 40 -6.45 -34.82 -2.42
N LEU A 41 -6.12 -34.75 -1.13
CA LEU A 41 -7.11 -34.95 -0.09
C LEU A 41 -8.02 -33.74 0.03
N THR A 42 -7.44 -32.55 0.23
CA THR A 42 -8.20 -31.41 0.71
C THR A 42 -8.60 -30.44 -0.38
N GLY A 43 -7.95 -30.50 -1.54
CA GLY A 43 -8.12 -29.49 -2.55
C GLY A 43 -7.16 -28.32 -2.48
N SER A 44 -6.35 -28.22 -1.43
CA SER A 44 -5.47 -27.08 -1.25
C SER A 44 -4.31 -27.49 -0.35
N TYR A 45 -3.48 -26.52 0.04
CA TYR A 45 -2.40 -26.79 0.99
C TYR A 45 -2.16 -25.53 1.82
N VAL A 46 -1.42 -25.69 2.91
CA VAL A 46 -1.25 -24.66 3.93
C VAL A 46 0.24 -24.38 4.04
N HIS A 47 0.61 -23.11 3.89
CA HIS A 47 2.00 -22.71 4.00
C HIS A 47 2.45 -22.78 5.44
N THR A 48 3.70 -23.17 5.62
CA THR A 48 4.38 -23.00 6.89
C THR A 48 4.62 -21.52 7.17
N LYS A 49 4.84 -21.21 8.45
CA LYS A 49 5.15 -19.84 8.83
C LYS A 49 6.31 -19.31 8.01
N GLU A 50 7.34 -20.13 7.86
CA GLU A 50 8.53 -19.71 7.14
C GLU A 50 8.22 -19.45 5.67
N GLU A 51 7.42 -20.32 5.04
CA GLU A 51 7.09 -20.13 3.63
C GLU A 51 6.23 -18.89 3.44
N LEU A 52 5.24 -18.70 4.30
CA LEU A 52 4.38 -17.53 4.23
C LEU A 52 5.18 -16.25 4.40
N GLU A 53 6.06 -16.20 5.39
CA GLU A 53 6.88 -15.00 5.59
C GLU A 53 7.77 -14.73 4.37
N HIS A 54 8.54 -15.74 3.94
CA HIS A 54 9.41 -15.49 2.80
C HIS A 54 8.62 -15.19 1.53
N GLY A 55 7.46 -15.83 1.37
CA GLY A 55 6.69 -15.60 0.16
C GLY A 55 6.15 -14.19 0.08
N ALA A 56 5.76 -13.63 1.21
CA ALA A 56 5.32 -12.23 1.26
C ALA A 56 6.48 -11.30 0.93
N LYS A 57 7.67 -11.64 1.39
CA LYS A 57 8.88 -10.86 1.09
C LYS A 57 9.24 -10.98 -0.38
N MET A 58 9.13 -12.19 -0.95
CA MET A 58 9.41 -12.30 -2.38
C MET A 58 8.44 -11.46 -3.18
N ALA A 59 7.17 -11.49 -2.79
CA ALA A 59 6.17 -10.76 -3.54
C ALA A 59 6.48 -9.29 -3.57
N TRP A 60 6.98 -8.75 -2.45
CA TRP A 60 7.37 -7.35 -2.51
C TRP A 60 8.59 -7.18 -3.44
N ARG A 61 9.55 -8.09 -3.34
CA ARG A 61 10.74 -7.98 -4.20
C ARG A 61 10.39 -7.99 -5.69
N ASN A 62 9.26 -8.59 -6.04
CA ASN A 62 8.85 -8.74 -7.43
C ASN A 62 7.88 -7.67 -7.88
N SER A 63 7.58 -6.70 -7.02
CA SER A 63 6.57 -5.69 -7.39
C SER A 63 7.23 -4.67 -8.31
N ASN A 64 7.05 -4.86 -9.62
CA ASN A 64 7.74 -4.03 -10.60
C ASN A 64 7.54 -2.54 -10.36
N ARG A 65 6.41 -2.16 -9.76
CA ARG A 65 6.10 -0.73 -9.70
C ARG A 65 6.67 -0.05 -8.47
N CYS A 66 7.30 -0.79 -7.55
CA CYS A 66 7.72 -0.26 -6.27
C CYS A 66 9.20 0.14 -6.28
N ILE A 67 9.46 1.41 -5.96
CA ILE A 67 10.82 1.92 -5.81
C ILE A 67 11.42 1.56 -4.46
N GLY A 68 10.59 1.08 -3.53
CA GLY A 68 11.06 0.93 -2.17
C GLY A 68 11.63 -0.44 -1.86
N ARG A 69 11.88 -1.24 -2.90
CA ARG A 69 12.14 -2.67 -2.70
C ARG A 69 13.49 -2.98 -2.08
N LEU A 70 14.36 -2.00 -1.86
CA LEU A 70 15.63 -2.33 -1.22
C LEU A 70 15.37 -3.09 0.07
N PHE A 71 14.28 -2.73 0.77
CA PHE A 71 14.08 -3.25 2.10
C PHE A 71 13.15 -4.46 2.14
N TRP A 72 13.01 -5.17 1.03
CA TRP A 72 12.05 -6.28 0.94
C TRP A 72 12.26 -7.33 2.02
N ASN A 73 13.52 -7.60 2.40
CA ASN A 73 13.77 -8.70 3.31
C ASN A 73 13.50 -8.36 4.76
N SER A 74 13.26 -7.09 5.08
CA SER A 74 12.96 -6.75 6.46
C SER A 74 11.47 -6.54 6.74
N LEU A 75 10.61 -6.94 5.79
CA LEU A 75 9.16 -6.87 6.00
C LEU A 75 8.76 -7.64 7.26
N ASN A 76 7.98 -7.01 8.13
CA ASN A 76 7.46 -7.67 9.33
C ASN A 76 6.14 -8.36 8.99
N VAL A 77 6.13 -9.69 8.97
CA VAL A 77 4.97 -10.46 8.50
C VAL A 77 4.18 -10.93 9.72
N ILE A 78 2.92 -10.55 9.81
CA ILE A 78 2.06 -10.99 10.91
C ILE A 78 1.07 -12.00 10.37
N ASP A 79 1.10 -13.22 10.92
CA ASP A 79 0.28 -14.32 10.41
C ASP A 79 -1.02 -14.41 11.17
N ARG A 80 -2.12 -13.98 10.52
CA ARG A 80 -3.45 -14.05 11.13
C ARG A 80 -4.37 -14.99 10.36
N ARG A 81 -3.85 -16.15 9.93
CA ARG A 81 -4.69 -17.16 9.26
C ARG A 81 -5.65 -17.86 10.23
N ASP A 82 -5.47 -17.62 11.52
CA ASP A 82 -6.30 -18.21 12.56
C ASP A 82 -7.58 -17.44 12.81
N VAL A 83 -7.77 -16.27 12.19
CA VAL A 83 -8.96 -15.44 12.43
C VAL A 83 -10.21 -16.14 11.93
N ARG A 84 -11.29 -16.00 12.69
CA ARG A 84 -12.59 -16.56 12.35
C ARG A 84 -13.74 -15.58 12.53
N THR A 85 -13.60 -14.55 13.37
CA THR A 85 -14.71 -13.63 13.66
C THR A 85 -14.42 -12.17 13.32
N LYS A 86 -15.50 -11.39 13.22
CA LYS A 86 -15.38 -9.96 12.92
C LYS A 86 -14.56 -9.22 13.96
N GLU A 87 -14.74 -9.57 15.24
CA GLU A 87 -13.97 -8.89 16.26
C GLU A 87 -12.49 -9.20 16.13
N GLU A 88 -12.15 -10.41 15.69
CA GLU A 88 -10.74 -10.76 15.56
C GLU A 88 -10.14 -10.06 14.35
N VAL A 89 -10.91 -9.99 13.25
CA VAL A 89 -10.49 -9.23 12.07
C VAL A 89 -10.26 -7.79 12.46
N ARG A 90 -11.24 -7.20 13.13
CA ARG A 90 -11.17 -5.80 13.50
C ARG A 90 -9.98 -5.55 14.40
N ASP A 91 -9.78 -6.41 15.39
CA ASP A 91 -8.68 -6.18 16.30
C ASP A 91 -7.34 -6.37 15.60
N ALA A 92 -7.25 -7.33 14.66
CA ALA A 92 -5.99 -7.51 13.94
C ALA A 92 -5.72 -6.33 13.03
N LEU A 93 -6.77 -5.71 12.48
CA LEU A 93 -6.56 -4.50 11.70
C LEU A 93 -6.10 -3.35 12.59
N PHE A 94 -6.73 -3.19 13.76
CA PHE A 94 -6.28 -2.19 14.73
C PHE A 94 -4.84 -2.43 15.14
N HIS A 95 -4.47 -3.69 15.41
CA HIS A 95 -3.09 -4.00 15.82
C HIS A 95 -2.11 -3.65 14.70
N HIS A 96 -2.51 -3.93 13.46
CA HIS A 96 -1.63 -3.59 12.34
C HIS A 96 -1.32 -2.11 12.34
N ILE A 97 -2.37 -1.29 12.42
CA ILE A 97 -2.16 0.15 12.49
C ILE A 97 -1.19 0.50 13.60
N GLU A 98 -1.42 -0.01 14.83
CA GLU A 98 -0.55 0.36 15.94
C GLU A 98 0.88 -0.13 15.74
N THR A 99 1.07 -1.38 15.31
CA THR A 99 2.45 -1.86 15.28
C THR A 99 3.23 -1.31 14.09
N ALA A 100 2.54 -1.12 12.98
CA ALA A 100 3.17 -0.52 11.80
C ALA A 100 3.48 0.95 12.05
N THR A 101 2.58 1.68 12.72
CA THR A 101 2.86 3.07 13.06
C THR A 101 4.10 3.20 13.98
N ASN A 102 4.13 2.42 15.06
CA ASN A 102 5.32 2.36 15.91
C ASN A 102 5.73 3.74 16.38
N ASN A 103 4.75 4.51 16.84
CA ASN A 103 4.93 5.88 17.30
C ASN A 103 5.58 6.80 16.26
N GLY A 104 5.49 6.49 14.97
CA GLY A 104 6.11 7.30 13.91
C GLY A 104 7.28 6.64 13.24
N LYS A 105 8.00 5.73 13.91
CA LYS A 105 9.09 5.04 13.26
C LYS A 105 8.53 3.84 12.52
N ILE A 106 7.92 4.12 11.34
CA ILE A 106 7.10 3.17 10.61
C ILE A 106 7.83 1.87 10.32
N ARG A 107 7.13 0.76 10.58
CA ARG A 107 7.76 -0.53 10.48
C ARG A 107 7.04 -1.13 9.27
N PRO A 108 7.70 -1.45 8.15
CA PRO A 108 6.96 -2.07 7.02
C PRO A 108 6.41 -3.42 7.44
N THR A 109 5.08 -3.55 7.37
CA THR A 109 4.36 -4.67 7.97
C THR A 109 3.29 -5.19 7.01
N ILE A 110 3.03 -6.50 7.04
CA ILE A 110 1.85 -7.05 6.37
C ILE A 110 1.13 -7.97 7.35
N THR A 111 -0.20 -7.91 7.40
CA THR A 111 -1.01 -8.84 8.20
C THR A 111 -1.70 -9.76 7.20
N ILE A 112 -1.50 -11.05 7.31
CA ILE A 112 -2.08 -12.01 6.36
C ILE A 112 -3.27 -12.71 7.00
N PHE A 113 -4.42 -12.60 6.35
CA PHE A 113 -5.65 -13.23 6.80
C PHE A 113 -5.84 -14.55 6.04
N PRO A 114 -6.83 -15.36 6.43
CA PRO A 114 -7.07 -16.64 5.73
C PRO A 114 -7.25 -16.45 4.24
N PRO A 115 -6.71 -17.34 3.41
CA PRO A 115 -6.78 -17.15 1.95
C PRO A 115 -8.12 -17.63 1.41
N GLU A 116 -8.38 -17.31 0.14
CA GLU A 116 -9.54 -17.84 -0.55
C GLU A 116 -9.51 -19.35 -0.52
N GLU A 117 -10.68 -19.96 -0.28
CA GLU A 117 -10.71 -21.42 -0.16
C GLU A 117 -10.76 -22.06 -1.53
N LYS A 118 -11.93 -21.98 -2.18
CA LYS A 118 -12.00 -22.37 -3.57
C LYS A 118 -12.40 -21.12 -4.34
N GLY A 119 -11.53 -20.12 -4.29
CA GLY A 119 -11.88 -18.80 -4.76
C GLY A 119 -13.01 -18.14 -3.99
N GLU A 120 -13.67 -18.82 -3.06
CA GLU A 120 -14.53 -18.08 -2.14
C GLU A 120 -13.74 -17.34 -1.05
N LYS A 121 -14.04 -16.06 -0.89
CA LYS A 121 -13.31 -15.28 0.09
C LYS A 121 -13.75 -15.61 1.51
N GLN A 122 -12.78 -15.61 2.44
CA GLN A 122 -13.09 -15.73 3.86
C GLN A 122 -13.35 -14.39 4.53
N VAL A 123 -12.47 -13.41 4.28
CA VAL A 123 -12.63 -12.03 4.72
C VAL A 123 -12.45 -11.17 3.49
N GLU A 124 -13.27 -10.13 3.36
CA GLU A 124 -13.29 -9.26 2.18
C GLU A 124 -13.18 -7.82 2.68
N ILE A 125 -12.02 -7.20 2.52
CA ILE A 125 -11.86 -5.84 2.99
C ILE A 125 -12.33 -4.87 1.92
N TRP A 126 -13.21 -3.93 2.31
CA TRP A 126 -13.68 -2.94 1.33
C TRP A 126 -12.78 -1.71 1.24
N ASN A 127 -12.04 -1.37 2.31
CA ASN A 127 -11.18 -0.19 2.26
C ASN A 127 -10.10 -0.35 1.20
N HIS A 128 -9.74 0.77 0.57
CA HIS A 128 -8.55 0.77 -0.29
C HIS A 128 -7.27 0.87 0.56
N GLN A 129 -7.22 1.81 1.50
CA GLN A 129 -6.23 1.85 2.57
C GLN A 129 -6.95 1.77 3.92
N LEU A 130 -6.29 1.19 4.95
CA LEU A 130 -6.96 1.11 6.24
C LEU A 130 -7.27 2.51 6.78
N ILE A 131 -6.35 3.46 6.61
CA ILE A 131 -6.57 4.84 6.98
C ILE A 131 -6.71 5.64 5.69
N ARG A 132 -7.85 6.31 5.50
CA ARG A 132 -8.07 7.12 4.32
C ARG A 132 -9.23 8.08 4.58
N TYR A 133 -9.25 9.21 3.85
CA TYR A 133 -10.27 10.22 4.10
C TYR A 133 -11.49 10.03 3.18
N ALA A 134 -12.67 10.36 3.71
CA ALA A 134 -13.91 10.27 2.96
C ALA A 134 -14.01 11.38 1.94
N GLY A 135 -14.93 11.18 1.00
CA GLY A 135 -15.13 12.15 -0.06
C GLY A 135 -16.61 12.23 -0.39
N TYR A 136 -17.08 13.43 -0.68
CA TYR A 136 -18.48 13.69 -0.96
C TYR A 136 -18.59 14.59 -2.17
N GLU A 137 -19.72 14.44 -2.88
CA GLU A 137 -20.06 15.16 -4.11
C GLU A 137 -21.58 15.19 -4.20
N SER A 138 -22.18 16.34 -3.88
CA SER A 138 -23.58 16.54 -4.28
C SER A 138 -23.83 18.03 -4.47
N ASP A 139 -24.79 18.33 -5.34
CA ASP A 139 -25.29 19.69 -5.49
C ASP A 139 -24.12 20.64 -5.76
N GLY A 140 -23.18 20.18 -6.60
CA GLY A 140 -22.00 20.94 -6.93
C GLY A 140 -21.01 21.17 -5.80
N GLU A 141 -21.27 20.64 -4.61
CA GLU A 141 -20.39 20.84 -3.47
C GLU A 141 -19.37 19.70 -3.39
N ARG A 142 -18.06 20.05 -3.35
CA ARG A 142 -16.94 19.14 -3.31
C ARG A 142 -16.34 19.15 -1.91
N ILE A 143 -16.28 18.00 -1.26
CA ILE A 143 -15.73 17.92 0.09
C ILE A 143 -14.86 16.68 0.19
N GLY A 144 -13.70 16.85 0.81
CA GLY A 144 -12.88 15.67 1.09
C GLY A 144 -12.10 15.17 -0.12
N ASP A 145 -11.92 13.85 -0.16
CA ASP A 145 -11.09 13.18 -1.14
C ASP A 145 -11.91 12.52 -2.23
N PRO A 146 -11.92 13.06 -3.47
CA PRO A 146 -12.83 12.52 -4.52
C PRO A 146 -12.56 11.06 -4.79
N ALA A 147 -11.31 10.61 -4.63
CA ALA A 147 -11.01 9.19 -4.79
C ALA A 147 -11.84 8.31 -3.86
N SER A 148 -12.35 8.87 -2.78
CA SER A 148 -13.12 8.09 -1.82
C SER A 148 -14.64 8.18 -1.98
N CYS A 149 -15.12 8.82 -3.06
CA CYS A 149 -16.55 9.06 -3.21
C CYS A 149 -17.34 7.77 -3.20
N SER A 150 -16.98 6.78 -4.03
CA SER A 150 -17.82 5.59 -4.10
C SER A 150 -17.83 4.80 -2.78
N LEU A 151 -16.65 4.58 -2.18
CA LEU A 151 -16.65 3.88 -0.89
C LEU A 151 -17.38 4.68 0.18
N THR A 152 -17.23 6.01 0.19
CA THR A 152 -17.94 6.83 1.17
C THR A 152 -19.45 6.68 1.04
N ALA A 153 -19.94 6.70 -0.20
CA ALA A 153 -21.37 6.46 -0.41
C ALA A 153 -21.78 5.06 0.01
N ALA A 154 -20.93 4.05 -0.24
CA ALA A 154 -21.26 2.72 0.23
C ALA A 154 -21.36 2.71 1.74
N CYS A 155 -20.40 3.33 2.41
CA CYS A 155 -20.40 3.31 3.87
C CYS A 155 -21.65 3.97 4.41
N GLU A 156 -22.06 5.11 3.79
CA GLU A 156 -23.23 5.80 4.31
C GLU A 156 -24.53 5.09 4.00
N GLU A 157 -24.52 4.08 3.11
CA GLU A 157 -25.66 3.18 3.01
C GLU A 157 -25.73 2.22 4.19
N LEU A 158 -24.62 1.94 4.84
CA LEU A 158 -24.64 0.97 5.92
C LEU A 158 -24.86 1.59 7.28
N GLY A 159 -25.29 2.84 7.34
CA GLY A 159 -25.60 3.48 8.58
C GLY A 159 -24.50 4.32 9.18
N TRP A 160 -23.33 4.38 8.54
CA TRP A 160 -22.32 5.34 8.93
C TRP A 160 -22.70 6.72 8.38
N ARG A 161 -22.18 7.77 8.99
CA ARG A 161 -22.41 9.15 8.56
C ARG A 161 -21.19 9.99 8.85
N GLY A 162 -20.68 10.70 7.84
CA GLY A 162 -19.44 11.46 7.99
C GLY A 162 -19.75 12.88 8.45
N GLU A 163 -18.82 13.47 9.21
CA GLU A 163 -18.99 14.86 9.61
C GLU A 163 -18.89 15.84 8.43
N ARG A 164 -18.40 15.38 7.27
CA ARG A 164 -18.24 16.21 6.06
C ARG A 164 -17.26 17.37 6.26
N THR A 165 -16.17 17.10 7.02
CA THR A 165 -14.94 17.86 6.93
C THR A 165 -14.20 17.37 5.70
N ASP A 166 -13.10 18.05 5.37
CA ASP A 166 -12.30 17.60 4.25
C ASP A 166 -11.43 16.40 4.63
N PHE A 167 -11.42 16.00 5.91
CA PHE A 167 -10.53 14.98 6.38
C PHE A 167 -11.25 14.05 7.37
N ASP A 168 -12.45 13.57 7.01
CA ASP A 168 -13.13 12.54 7.80
C ASP A 168 -12.41 11.21 7.61
N LEU A 169 -12.12 10.50 8.69
CA LEU A 169 -11.54 9.16 8.55
C LEU A 169 -12.65 8.20 8.20
N LEU A 170 -12.51 7.48 7.11
CA LEU A 170 -13.44 6.40 6.85
C LEU A 170 -13.33 5.33 7.92
N PRO A 171 -14.41 4.61 8.20
CA PRO A 171 -14.34 3.50 9.13
C PRO A 171 -13.73 2.30 8.42
N LEU A 172 -13.21 1.36 9.20
CA LEU A 172 -12.89 0.05 8.63
C LEU A 172 -14.18 -0.56 8.13
N ILE A 173 -14.16 -1.14 6.96
CA ILE A 173 -15.35 -1.83 6.48
C ILE A 173 -14.90 -3.10 5.78
N PHE A 174 -15.47 -4.22 6.22
CA PHE A 174 -15.13 -5.52 5.65
C PHE A 174 -16.29 -6.47 5.86
N ARG A 175 -16.36 -7.49 5.00
CA ARG A 175 -17.40 -8.51 5.04
C ARG A 175 -16.79 -9.88 5.32
N MET A 176 -17.45 -10.66 6.18
CA MET A 176 -17.10 -12.06 6.48
C MET A 176 -17.86 -13.01 5.56
N LYS A 177 -17.23 -14.14 5.27
CA LYS A 177 -17.88 -15.20 4.51
C LYS A 177 -19.21 -15.56 5.17
N GLY A 178 -20.23 -15.79 4.36
CA GLY A 178 -21.50 -16.18 4.91
C GLY A 178 -22.31 -14.94 5.21
N ASP A 179 -21.68 -13.90 5.73
CA ASP A 179 -22.44 -12.69 5.92
C ASP A 179 -22.75 -12.05 4.60
N GLU A 180 -23.74 -11.21 4.64
CA GLU A 180 -24.24 -10.59 3.45
C GLU A 180 -24.20 -9.06 3.41
N GLN A 181 -23.96 -8.41 4.52
CA GLN A 181 -23.49 -7.06 4.45
C GLN A 181 -22.16 -6.97 5.20
N PRO A 182 -21.27 -6.09 4.81
CA PRO A 182 -20.05 -5.89 5.60
C PRO A 182 -20.41 -5.16 6.89
N VAL A 183 -19.55 -5.27 7.87
CA VAL A 183 -19.67 -4.46 9.07
C VAL A 183 -18.72 -3.28 8.94
N TRP A 184 -18.90 -2.27 9.78
CA TRP A 184 -17.95 -1.16 9.83
C TRP A 184 -17.69 -0.75 11.27
N TYR A 185 -16.47 -0.28 11.51
CA TYR A 185 -16.02 0.15 12.83
C TYR A 185 -15.24 1.46 12.73
N GLU A 186 -15.60 2.45 13.56
CA GLU A 186 -14.85 3.69 13.51
C GLU A 186 -13.44 3.44 14.01
N LEU A 187 -12.47 4.07 13.36
CA LEU A 187 -11.13 3.94 13.82
C LEU A 187 -10.93 4.71 15.11
N PRO A 188 -10.30 4.11 16.12
CA PRO A 188 -9.94 4.88 17.33
C PRO A 188 -8.93 5.96 17.00
N ARG A 189 -9.26 7.21 17.30
CA ARG A 189 -8.37 8.26 16.83
C ARG A 189 -6.99 8.17 17.48
N SER A 190 -6.91 7.59 18.68
CA SER A 190 -5.62 7.40 19.34
C SER A 190 -4.64 6.55 18.53
N LEU A 191 -5.11 5.72 17.59
CA LEU A 191 -4.23 4.89 16.76
C LEU A 191 -3.76 5.55 15.46
N VAL A 192 -4.34 6.68 15.07
CA VAL A 192 -4.13 7.26 13.74
C VAL A 192 -3.26 8.49 13.92
N ILE A 193 -2.00 8.44 13.48
CA ILE A 193 -1.19 9.65 13.49
C ILE A 193 -1.51 10.46 12.22
N GLU A 194 -1.65 11.76 12.37
CA GLU A 194 -1.76 12.68 11.25
C GLU A 194 -0.71 13.78 11.42
N VAL A 195 -0.31 14.34 10.28
CA VAL A 195 0.74 15.34 10.16
C VAL A 195 0.14 16.62 9.58
N PRO A 196 0.14 17.73 10.31
CA PRO A 196 -0.27 19.00 9.69
C PRO A 196 0.83 19.47 8.76
N ILE A 197 0.45 20.06 7.62
CA ILE A 197 1.46 20.48 6.65
C ILE A 197 1.84 21.92 6.96
N THR A 198 3.10 22.14 7.36
CA THR A 198 3.70 23.44 7.43
C THR A 198 4.90 23.46 6.51
N HIS A 199 5.42 24.66 6.27
CA HIS A 199 6.55 24.96 5.41
C HIS A 199 7.71 25.47 6.25
N PRO A 200 8.95 25.14 5.90
CA PRO A 200 10.08 25.52 6.76
C PRO A 200 10.32 27.02 6.82
N ASP A 201 9.96 27.76 5.79
CA ASP A 201 10.33 29.16 5.62
C ASP A 201 9.14 30.10 5.55
N ILE A 202 7.97 29.61 5.14
CA ILE A 202 6.83 30.44 4.75
C ILE A 202 5.74 30.22 5.78
N GLU A 203 5.63 31.13 6.74
CA GLU A 203 4.74 30.89 7.86
C GLU A 203 3.29 30.84 7.40
N ALA A 204 2.97 31.53 6.31
CA ALA A 204 1.61 31.56 5.82
C ALA A 204 1.13 30.21 5.33
N PHE A 205 2.04 29.26 5.10
CA PHE A 205 1.63 27.97 4.53
C PHE A 205 0.60 27.28 5.40
N SER A 206 0.64 27.49 6.72
CA SER A 206 -0.33 26.86 7.61
C SER A 206 -1.75 27.39 7.43
N ASP A 207 -1.91 28.56 6.79
CA ASP A 207 -3.25 29.08 6.48
C ASP A 207 -4.02 28.11 5.58
N LEU A 208 -3.33 27.27 4.83
CA LEU A 208 -4.02 26.28 4.01
C LEU A 208 -4.71 25.19 4.84
N GLU A 209 -4.35 25.04 6.11
CA GLU A 209 -4.89 23.98 6.99
C GLU A 209 -4.88 22.58 6.37
N LEU A 210 -3.78 22.21 5.71
CA LEU A 210 -3.64 20.90 5.11
C LEU A 210 -3.13 19.91 6.16
N LYS A 211 -3.47 18.63 5.98
CA LYS A 211 -2.87 17.56 6.76
C LYS A 211 -2.95 16.29 5.92
N TRP A 212 -2.19 15.29 6.33
CA TRP A 212 -2.27 13.95 5.74
C TRP A 212 -2.00 12.95 6.85
N TYR A 213 -2.35 11.69 6.60
CA TYR A 213 -2.19 10.70 7.64
C TYR A 213 -0.82 10.07 7.52
N GLY A 214 -0.40 9.47 8.63
CA GLY A 214 0.99 9.06 8.73
C GLY A 214 1.33 7.87 7.86
N VAL A 215 0.46 6.87 7.75
CA VAL A 215 0.86 5.56 7.29
C VAL A 215 -0.04 5.06 6.17
N PRO A 216 0.48 4.82 4.96
CA PRO A 216 -0.42 4.33 3.90
C PRO A 216 -0.47 2.82 3.97
N ILE A 217 -1.62 2.25 4.29
CA ILE A 217 -1.74 0.82 4.56
C ILE A 217 -2.69 0.28 3.50
N ILE A 218 -2.12 -0.24 2.41
CA ILE A 218 -2.87 -0.65 1.22
C ILE A 218 -3.57 -1.97 1.51
N SER A 219 -4.90 -1.94 1.48
CA SER A 219 -5.65 -3.05 2.06
C SER A 219 -6.56 -3.73 1.05
N ASP A 220 -6.39 -3.46 -0.24
CA ASP A 220 -7.26 -4.05 -1.25
C ASP A 220 -6.52 -4.86 -2.32
N MET A 221 -5.23 -5.19 -2.16
CA MET A 221 -4.59 -6.05 -3.15
C MET A 221 -4.45 -7.48 -2.67
N LYS A 222 -4.36 -8.39 -3.63
CA LYS A 222 -4.23 -9.82 -3.37
C LYS A 222 -2.78 -10.26 -3.39
N LEU A 223 -2.34 -10.92 -2.33
CA LEU A 223 -1.02 -11.55 -2.29
C LEU A 223 -1.15 -12.98 -2.79
N GLU A 224 -0.39 -13.33 -3.82
CA GLU A 224 -0.39 -14.68 -4.36
C GLU A 224 0.95 -15.31 -4.09
N VAL A 225 0.95 -16.43 -3.36
CA VAL A 225 2.17 -17.14 -2.99
C VAL A 225 1.96 -18.61 -3.33
N GLY A 226 2.68 -19.11 -4.32
CA GLY A 226 2.60 -20.53 -4.67
C GLY A 226 1.20 -21.05 -4.93
N GLY A 227 0.39 -20.28 -5.63
CA GLY A 227 -0.93 -20.74 -5.97
C GLY A 227 -2.01 -20.47 -4.93
N ILE A 228 -1.64 -20.04 -3.73
CA ILE A 228 -2.62 -19.67 -2.71
C ILE A 228 -2.89 -18.17 -2.83
N HIS A 229 -4.18 -17.81 -2.82
CA HIS A 229 -4.63 -16.43 -3.06
C HIS A 229 -5.07 -15.80 -1.75
N TYR A 230 -4.18 -15.02 -1.14
CA TYR A 230 -4.51 -14.22 0.03
C TYR A 230 -5.06 -12.88 -0.43
N ASN A 231 -6.38 -12.81 -0.60
CA ASN A 231 -7.00 -11.58 -1.05
C ASN A 231 -7.04 -10.53 0.05
N ALA A 232 -6.91 -10.91 1.29
CA ALA A 232 -6.99 -9.98 2.40
C ALA A 232 -5.62 -10.06 3.05
N ALA A 233 -4.76 -9.10 2.74
CA ALA A 233 -3.39 -9.10 3.25
C ALA A 233 -2.87 -7.68 3.26
N PRO A 234 -3.46 -6.82 4.09
CA PRO A 234 -3.06 -5.40 4.07
C PRO A 234 -1.58 -5.20 4.43
N PHE A 235 -0.92 -4.29 3.72
CA PHE A 235 0.50 -4.06 3.99
C PHE A 235 0.78 -2.56 3.96
N ASN A 236 1.94 -2.17 4.50
CA ASN A 236 2.33 -0.77 4.49
C ASN A 236 3.85 -0.64 4.35
N GLY A 237 4.27 0.45 3.72
CA GLY A 237 5.63 0.95 3.87
C GLY A 237 5.48 2.28 4.59
N TRP A 238 6.43 3.20 4.38
CA TRP A 238 6.24 4.61 4.63
C TRP A 238 6.06 5.34 3.31
N TYR A 239 5.56 6.58 3.38
CA TYR A 239 5.30 7.35 2.17
C TYR A 239 6.57 7.80 1.49
N MET A 240 6.50 7.98 0.16
CA MET A 240 7.54 8.75 -0.51
C MET A 240 6.85 10.10 -0.69
N GLY A 241 7.55 11.20 -0.43
CA GLY A 241 6.84 12.47 -0.23
C GLY A 241 6.01 12.91 -1.45
N THR A 242 6.50 12.62 -2.66
CA THR A 242 5.75 12.98 -3.88
C THR A 242 4.35 12.36 -3.91
N GLU A 243 4.14 11.28 -3.17
CA GLU A 243 2.82 10.66 -3.25
C GLU A 243 1.78 11.58 -2.64
N ILE A 244 2.17 12.32 -1.60
CA ILE A 244 1.31 13.28 -0.93
C ILE A 244 1.35 14.63 -1.62
N GLY A 245 2.55 15.13 -1.89
CA GLY A 245 2.73 16.49 -2.41
C GLY A 245 2.52 16.66 -3.88
N ALA A 246 2.72 15.60 -4.67
CA ALA A 246 2.54 15.70 -6.11
C ALA A 246 1.26 15.04 -6.61
N ARG A 247 0.58 14.26 -5.76
CA ARG A 247 -0.60 13.56 -6.26
C ARG A 247 -1.80 13.77 -5.33
N ASN A 248 -1.73 13.32 -4.09
CA ASN A 248 -2.88 13.38 -3.16
C ASN A 248 -3.32 14.83 -2.92
N LEU A 249 -2.39 15.73 -2.63
CA LEU A 249 -2.81 17.11 -2.40
C LEU A 249 -2.82 17.97 -3.68
N ALA A 250 -2.22 17.50 -4.77
CA ALA A 250 -2.04 18.34 -5.96
C ALA A 250 -2.94 18.02 -7.13
N ASP A 251 -3.35 16.77 -7.31
CA ASP A 251 -4.08 16.41 -8.52
C ASP A 251 -5.37 17.21 -8.61
N GLU A 252 -5.75 17.60 -9.83
CA GLU A 252 -7.04 18.30 -9.97
C GLU A 252 -8.17 17.41 -9.52
N LYS A 253 -8.03 16.09 -9.70
CA LYS A 253 -9.06 15.14 -9.23
C LYS A 253 -8.85 14.72 -7.76
N ARG A 254 -7.90 15.29 -7.07
CA ARG A 254 -7.76 14.94 -5.66
C ARG A 254 -7.99 16.23 -4.87
N TYR A 255 -7.11 16.62 -3.98
CA TYR A 255 -7.42 17.84 -3.24
C TYR A 255 -7.17 19.13 -4.03
N ASP A 256 -6.45 19.09 -5.16
CA ASP A 256 -6.38 20.20 -6.11
C ASP A 256 -5.93 21.53 -5.47
N LYS A 257 -4.82 21.49 -4.73
CA LYS A 257 -4.41 22.64 -3.92
C LYS A 257 -3.37 23.55 -4.55
N LEU A 258 -2.97 23.34 -5.80
CA LEU A 258 -1.86 24.15 -6.28
C LEU A 258 -2.17 25.64 -6.36
N LYS A 259 -3.39 26.05 -6.80
CA LYS A 259 -3.64 27.50 -6.86
C LYS A 259 -3.54 28.13 -5.48
N LYS A 260 -4.08 27.47 -4.44
CA LYS A 260 -3.96 28.00 -3.09
C LYS A 260 -2.52 27.98 -2.59
N VAL A 261 -1.75 26.95 -2.97
CA VAL A 261 -0.33 26.96 -2.63
C VAL A 261 0.38 28.16 -3.28
N ALA A 262 0.17 28.36 -4.58
CA ALA A 262 0.73 29.54 -5.24
C ALA A 262 0.38 30.82 -4.50
N SER A 263 -0.86 30.98 -4.07
CA SER A 263 -1.26 32.21 -3.41
C SER A 263 -0.48 32.44 -2.11
N VAL A 264 -0.41 31.42 -1.23
CA VAL A 264 0.27 31.60 0.08
C VAL A 264 1.77 31.71 -0.08
N ILE A 265 2.34 31.13 -1.13
CA ILE A 265 3.77 31.36 -1.30
C ILE A 265 4.06 32.64 -2.05
N GLY A 266 3.02 33.39 -2.46
CA GLY A 266 3.28 34.72 -2.96
C GLY A 266 3.61 34.86 -4.43
N ILE A 267 3.26 33.88 -5.27
CA ILE A 267 3.53 34.01 -6.70
C ILE A 267 2.19 34.08 -7.43
N ALA A 268 2.22 34.63 -8.65
CA ALA A 268 1.01 34.69 -9.47
C ALA A 268 0.75 33.34 -10.12
N ALA A 269 -0.53 33.06 -10.39
CA ALA A 269 -0.94 31.81 -11.04
C ALA A 269 -1.70 32.09 -12.33
N ASP A 270 -1.10 32.93 -13.16
CA ASP A 270 -1.69 33.52 -14.36
C ASP A 270 -1.13 32.98 -15.66
N TYR A 271 0.17 32.70 -15.76
CA TYR A 271 0.84 32.44 -17.06
C TYR A 271 1.56 31.10 -17.01
N ASN A 272 1.28 30.21 -17.97
CA ASN A 272 2.01 28.96 -18.01
C ASN A 272 3.51 29.22 -17.99
N THR A 273 3.96 30.23 -18.72
CA THR A 273 5.39 30.43 -18.83
C THR A 273 6.04 30.84 -17.51
N ASP A 274 5.28 31.17 -16.47
CA ASP A 274 5.89 31.48 -15.19
C ASP A 274 6.22 30.20 -14.45
N LEU A 275 5.74 29.05 -14.94
CA LEU A 275 5.98 27.77 -14.31
C LEU A 275 5.53 27.80 -12.85
N TRP A 276 4.39 28.46 -12.61
CA TRP A 276 3.89 28.56 -11.24
C TRP A 276 3.43 27.22 -10.72
N LYS A 277 2.91 26.36 -11.61
CA LYS A 277 2.50 25.05 -11.10
C LYS A 277 3.74 24.28 -10.63
N ASP A 278 4.82 24.37 -11.38
CA ASP A 278 6.07 23.67 -11.02
C ASP A 278 6.62 24.19 -9.71
N GLN A 279 6.62 25.51 -9.55
CA GLN A 279 7.15 26.15 -8.36
C GLN A 279 6.31 25.80 -7.15
N ALA A 280 4.98 25.90 -7.28
CA ALA A 280 4.06 25.45 -6.23
C ALA A 280 4.28 23.97 -5.90
N LEU A 281 4.39 23.11 -6.91
CA LEU A 281 4.65 21.69 -6.62
C LEU A 281 5.92 21.50 -5.78
N VAL A 282 6.98 22.27 -6.06
CA VAL A 282 8.20 22.09 -5.28
C VAL A 282 8.00 22.55 -3.85
N GLU A 283 7.36 23.71 -3.64
CA GLU A 283 7.22 24.16 -2.25
C GLU A 283 6.30 23.25 -1.47
N LEU A 284 5.20 22.80 -2.08
CA LEU A 284 4.30 21.87 -1.39
C LEU A 284 5.02 20.57 -1.02
N ASN A 285 5.87 20.07 -1.93
CA ASN A 285 6.59 18.83 -1.63
C ASN A 285 7.69 19.06 -0.59
N LYS A 286 8.27 20.27 -0.53
CA LYS A 286 9.23 20.56 0.54
C LYS A 286 8.52 20.60 1.89
N ALA A 287 7.30 21.16 1.91
CA ALA A 287 6.49 21.25 3.12
C ALA A 287 6.10 19.88 3.62
N VAL A 288 5.72 18.97 2.71
CA VAL A 288 5.38 17.62 3.13
C VAL A 288 6.57 16.95 3.85
N LEU A 289 7.77 17.00 3.25
CA LEU A 289 8.93 16.32 3.87
C LEU A 289 9.28 16.96 5.20
N HIS A 290 9.31 18.30 5.22
CA HIS A 290 9.59 19.04 6.45
C HIS A 290 8.63 18.65 7.57
N SER A 291 7.32 18.54 7.26
CA SER A 291 6.32 18.28 8.28
C SER A 291 6.41 16.87 8.83
N TYR A 292 6.53 15.88 7.96
CA TYR A 292 6.73 14.52 8.44
C TYR A 292 7.98 14.42 9.31
N LYS A 293 9.11 14.96 8.86
CA LYS A 293 10.33 14.91 9.66
C LYS A 293 10.17 15.67 10.97
N LYS A 294 9.58 16.86 10.94
CA LYS A 294 9.40 17.63 12.17
C LYS A 294 8.59 16.85 13.20
N GLN A 295 7.54 16.17 12.75
CA GLN A 295 6.72 15.40 13.66
C GLN A 295 7.33 14.06 14.05
N GLY A 296 8.42 13.62 13.44
CA GLY A 296 8.93 12.31 13.80
C GLY A 296 8.21 11.14 13.16
N VAL A 297 7.62 11.32 11.98
CA VAL A 297 7.00 10.26 11.19
C VAL A 297 7.88 9.95 9.99
N SER A 298 8.19 8.67 9.79
CA SER A 298 9.03 8.24 8.69
C SER A 298 8.47 8.73 7.36
N ILE A 299 9.39 9.10 6.45
CA ILE A 299 9.05 9.50 5.07
C ILE A 299 10.38 9.49 4.30
N VAL A 300 10.30 9.42 2.96
CA VAL A 300 11.52 9.44 2.16
C VAL A 300 11.27 10.31 0.95
N ASP A 301 12.30 11.00 0.52
CA ASP A 301 12.17 11.86 -0.63
C ASP A 301 12.55 11.05 -1.84
N HIS A 302 12.14 11.54 -3.01
CA HIS A 302 12.30 10.73 -4.21
C HIS A 302 13.78 10.58 -4.60
N HIS A 303 14.63 11.51 -4.18
CA HIS A 303 16.05 11.36 -4.52
C HIS A 303 16.68 10.24 -3.72
N THR A 304 16.46 10.24 -2.40
CA THR A 304 16.97 9.18 -1.54
C THR A 304 16.37 7.84 -1.90
N ALA A 305 15.06 7.82 -2.13
CA ALA A 305 14.38 6.62 -2.59
C ALA A 305 15.00 6.06 -3.87
N ALA A 306 15.31 6.92 -4.85
CA ALA A 306 15.89 6.42 -6.10
C ALA A 306 17.29 5.91 -5.85
N SER A 307 18.04 6.56 -4.94
CA SER A 307 19.37 6.05 -4.59
C SER A 307 19.30 4.67 -3.97
N GLN A 308 18.31 4.46 -3.09
CA GLN A 308 18.09 3.16 -2.48
C GLN A 308 17.70 2.15 -3.56
N PHE A 309 16.90 2.57 -4.53
CA PHE A 309 16.49 1.62 -5.56
C PHE A 309 17.70 1.24 -6.43
N LYS A 310 18.64 2.16 -6.63
CA LYS A 310 19.86 1.82 -7.37
C LYS A 310 20.61 0.71 -6.65
N ARG A 311 20.59 0.76 -5.31
CA ARG A 311 21.25 -0.28 -4.52
C ARG A 311 20.51 -1.61 -4.68
N PHE A 312 19.17 -1.56 -4.72
CA PHE A 312 18.40 -2.76 -4.99
C PHE A 312 18.78 -3.37 -6.33
N GLU A 313 18.84 -2.55 -7.40
CA GLU A 313 19.33 -3.04 -8.69
C GLU A 313 20.71 -3.69 -8.58
N GLU A 314 21.63 -3.06 -7.85
CA GLU A 314 22.97 -3.65 -7.70
C GLU A 314 22.91 -4.95 -6.91
N GLN A 315 22.17 -4.97 -5.80
CA GLN A 315 21.94 -6.20 -5.03
C GLN A 315 21.34 -7.30 -5.88
N ALA A 316 20.37 -6.98 -6.75
CA ALA A 316 19.83 -8.03 -7.60
C ALA A 316 20.92 -8.63 -8.46
N GLU A 317 21.70 -7.78 -9.09
CA GLU A 317 22.72 -8.27 -10.00
C GLU A 317 23.73 -9.13 -9.26
N GLU A 318 24.12 -8.69 -8.07
CA GLU A 318 25.12 -9.42 -7.30
C GLU A 318 24.58 -10.78 -6.88
N ALA A 319 23.28 -10.92 -6.70
CA ALA A 319 22.67 -12.17 -6.30
C ALA A 319 22.27 -13.05 -7.48
N GLY A 320 22.63 -12.66 -8.70
CA GLY A 320 22.19 -13.35 -9.90
C GLY A 320 20.69 -13.43 -10.16
N ARG A 321 19.88 -12.58 -9.50
CA ARG A 321 18.45 -12.50 -9.79
C ARG A 321 18.22 -11.45 -10.89
N LYS A 322 17.44 -11.79 -11.92
CA LYS A 322 16.84 -10.82 -12.79
C LYS A 322 16.09 -9.69 -12.08
N LEU A 323 16.28 -8.47 -12.58
CA LEU A 323 15.52 -7.33 -12.09
C LEU A 323 14.32 -7.10 -12.99
N THR A 324 13.13 -6.95 -12.41
CA THR A 324 12.02 -6.45 -13.20
C THR A 324 11.51 -5.14 -12.64
N GLY A 325 10.90 -4.33 -13.52
CA GLY A 325 10.41 -3.04 -13.09
C GLY A 325 9.48 -2.43 -14.12
N ASP A 326 8.68 -1.48 -13.65
CA ASP A 326 7.71 -0.74 -14.47
C ASP A 326 8.17 0.71 -14.48
N TRP A 327 8.88 1.11 -15.56
CA TRP A 327 9.45 2.46 -15.64
C TRP A 327 8.41 3.55 -15.41
N THR A 328 7.23 3.39 -15.98
CA THR A 328 6.22 4.44 -15.87
C THR A 328 5.75 4.66 -14.43
N TRP A 329 5.89 3.66 -13.56
CA TRP A 329 5.58 3.81 -12.14
C TRP A 329 6.81 4.05 -11.28
N LEU A 330 8.00 3.67 -11.76
CA LEU A 330 9.18 3.87 -10.94
C LEU A 330 9.63 5.32 -10.97
N ILE A 331 9.55 6.01 -12.12
CA ILE A 331 10.02 7.39 -12.11
C ILE A 331 9.14 8.23 -11.19
N PRO A 332 9.68 9.18 -10.44
CA PRO A 332 8.79 10.01 -9.60
C PRO A 332 8.13 11.09 -10.42
N PRO A 333 6.97 11.60 -9.99
CA PRO A 333 6.27 12.65 -10.73
C PRO A 333 6.88 14.04 -10.57
N ILE A 334 7.98 14.18 -9.83
CA ILE A 334 8.68 15.45 -9.63
C ILE A 334 10.12 15.25 -10.07
N SER A 335 10.66 16.18 -10.91
CA SER A 335 12.02 16.05 -11.45
C SER A 335 12.44 14.63 -11.79
N PRO A 336 11.66 13.86 -12.57
CA PRO A 336 12.09 12.47 -12.83
C PRO A 336 13.47 12.34 -13.45
N ALA A 337 13.82 13.17 -14.44
CA ALA A 337 15.16 13.07 -15.06
C ALA A 337 16.32 13.37 -14.10
N ALA A 338 16.04 13.84 -12.88
CA ALA A 338 17.11 13.97 -11.88
C ALA A 338 17.43 12.66 -11.18
N THR A 339 16.72 11.57 -11.51
CA THR A 339 16.99 10.26 -10.95
C THR A 339 17.59 9.37 -12.02
N HIS A 340 18.36 8.35 -11.60
CA HIS A 340 18.95 7.40 -12.56
C HIS A 340 17.89 6.57 -13.25
N ILE A 341 16.74 6.35 -12.59
CA ILE A 341 15.66 5.52 -13.15
C ILE A 341 15.24 6.05 -14.50
N PHE A 342 15.03 7.36 -14.56
CA PHE A 342 14.56 7.97 -15.80
C PHE A 342 15.51 7.63 -16.95
N HIS A 343 16.77 7.34 -16.64
CA HIS A 343 17.79 7.18 -17.67
C HIS A 343 18.11 5.72 -17.99
N ARG A 344 17.36 4.76 -17.47
CA ARG A 344 17.51 3.39 -17.95
C ARG A 344 16.14 2.77 -18.25
N SER A 345 16.17 1.55 -18.76
CA SER A 345 14.96 0.82 -19.05
C SER A 345 14.89 -0.39 -18.11
N TYR A 346 13.71 -0.97 -18.02
CA TYR A 346 13.40 -2.06 -17.10
C TYR A 346 12.50 -3.08 -17.78
N ASP A 347 12.78 -4.35 -17.52
CA ASP A 347 11.95 -5.48 -17.97
C ASP A 347 10.70 -5.57 -17.10
N ASN A 348 9.53 -5.31 -17.69
CA ASN A 348 8.27 -5.30 -16.95
C ASN A 348 7.64 -6.70 -16.85
N SER A 349 8.44 -7.76 -16.90
CA SER A 349 7.83 -9.09 -16.78
C SER A 349 7.28 -9.30 -15.37
N ILE A 350 6.18 -10.07 -15.29
CA ILE A 350 5.54 -10.38 -14.02
C ILE A 350 6.09 -11.71 -13.50
N VAL A 351 6.75 -11.69 -12.34
CA VAL A 351 7.16 -12.93 -11.69
C VAL A 351 6.40 -13.04 -10.37
N LYS A 352 6.17 -14.27 -9.93
CA LYS A 352 5.41 -14.53 -8.69
C LYS A 352 6.33 -15.15 -7.65
N PRO A 353 6.02 -15.03 -6.35
CA PRO A 353 4.95 -14.31 -5.64
C PRO A 353 4.85 -12.84 -5.99
N ASN A 354 3.65 -12.29 -5.86
CA ASN A 354 3.46 -10.89 -6.24
C ASN A 354 2.15 -10.41 -5.62
N TYR A 355 1.92 -9.08 -5.68
CA TYR A 355 0.65 -8.46 -5.28
C TYR A 355 -0.12 -8.05 -6.53
N PHE A 356 -1.44 -8.29 -6.53
CA PHE A 356 -2.24 -8.05 -7.71
C PHE A 356 -3.49 -7.26 -7.36
N TYR A 357 -4.01 -6.60 -8.35
CA TYR A 357 -5.30 -5.94 -8.22
C TYR A 357 -6.42 -6.98 -8.13
N GLN A 358 -7.52 -6.61 -7.47
CA GLN A 358 -8.73 -7.44 -7.50
C GLN A 358 -9.95 -6.53 -7.49
N ASP A 359 -11.03 -7.02 -8.09
CA ASP A 359 -12.25 -6.21 -8.21
C ASP A 359 -12.75 -5.75 -6.84
N LYS A 360 -13.19 -4.50 -6.80
CA LYS A 360 -13.83 -3.97 -5.62
C LYS A 360 -15.20 -4.64 -5.42
N PRO A 361 -15.61 -4.89 -4.19
CA PRO A 361 -16.93 -5.50 -3.95
C PRO A 361 -18.08 -4.52 -4.09
N TYR A 362 -17.84 -3.29 -4.50
CA TYR A 362 -18.87 -2.26 -4.47
C TYR A 362 -18.71 -1.35 -5.68
N GLU A 363 -19.66 -0.45 -5.81
CA GLU A 363 -19.62 0.55 -6.87
C GLU A 363 -20.19 1.87 -6.31
#